data_7E1Q
#
_entry.id   7E1Q
#
_cell.length_a   42.829
_cell.length_b   65.953
_cell.length_c   68.891
_cell.angle_alpha   90.000
_cell.angle_beta   96.310
_cell.angle_gamma   90.000
#
_symmetry.space_group_name_H-M   'P 1 21 1'
#
loop_
_entity.id
_entity.type
_entity.pdbx_description
1 polymer '2-nitropropane dioxygenase'
2 non-polymer 'IRON/SULFUR CLUSTER'
3 non-polymer 'FLAVIN MONONUCLEOTIDE'
4 non-polymer 'CHLORIDE ION'
5 water water
#
_entity_poly.entity_id   1
_entity_poly.type   'polypeptide(L)'
_entity_poly.pdbx_seq_one_letter_code
;MKHHHHHHHMVSTLKPLKIGKHTIKFPIFQGGMGVGISWDELAGNVAKEGALGVISAVGTGYYKNMRFVERIVAKKPFEA
LNFYSKKALNEIFANARKICGNNPLGANILYAINDYGRVLRDSCEAGANIIITGAGLPTNMPEFAKDFSDVALIPIISSA
KALKILCKRWSDRYKRIPDAFIVEGPLSGGHQGFKYEDCFKEEFRLENLVPKVVEASKEWGNIPIIAAGGIWDRKDIDTM
LSLGASGVQMATRFLGTKECDAKVYADLLPTLKKEDILLIKSPVGYPARAINTGVIKRIEEGNAPKIACVSNCVAPCNRG
EEAKKVGYCIADGLGRSYLGNREEGLYFTGANGYRVDKIISVHELIKELTEG
;
_entity_poly.pdbx_strand_id   A
#
loop_
_chem_comp.id
_chem_comp.type
_chem_comp.name
_chem_comp.formula
CL non-polymer 'CHLORIDE ION' 'Cl -1'
FMN non-polymer 'FLAVIN MONONUCLEOTIDE' 'C17 H21 N4 O9 P'
SF4 non-polymer 'IRON/SULFUR CLUSTER' 'Fe4 S4'
#
# COMPACT_ATOMS: atom_id res chain seq x y z
N HIS A 7 12.90 3.37 -28.47
CA HIS A 7 13.78 2.33 -27.93
C HIS A 7 13.14 0.96 -28.07
N HIS A 8 13.92 -0.03 -28.54
CA HIS A 8 13.39 -1.37 -28.74
C HIS A 8 13.11 -2.08 -27.42
N HIS A 9 11.90 -2.65 -27.32
CA HIS A 9 11.57 -3.58 -26.26
C HIS A 9 10.61 -4.59 -26.84
N MET A 10 10.94 -5.87 -26.70
CA MET A 10 10.09 -6.90 -27.29
C MET A 10 8.69 -6.82 -26.68
N VAL A 11 7.68 -7.00 -27.54
CA VAL A 11 6.29 -6.93 -27.10
C VAL A 11 6.06 -7.92 -25.97
N SER A 12 5.31 -7.50 -24.95
CA SER A 12 5.10 -8.35 -23.79
C SER A 12 4.27 -9.57 -24.14
N THR A 13 4.59 -10.69 -23.49
CA THR A 13 3.71 -11.86 -23.48
C THR A 13 2.86 -11.93 -22.22
N LEU A 14 2.95 -10.93 -21.33
CA LEU A 14 1.98 -10.84 -20.25
C LEU A 14 0.63 -10.40 -20.81
N LYS A 15 -0.44 -10.87 -20.17
CA LYS A 15 -1.82 -10.68 -20.61
C LYS A 15 -2.50 -9.57 -19.81
N PRO A 16 -3.36 -8.77 -20.42
CA PRO A 16 -4.14 -7.80 -19.65
C PRO A 16 -4.93 -8.48 -18.54
N LEU A 17 -5.15 -7.75 -17.46
CA LEU A 17 -5.80 -8.27 -16.26
C LEU A 17 -7.09 -7.51 -16.01
N LYS A 18 -8.20 -8.24 -15.86
CA LYS A 18 -9.48 -7.60 -15.59
C LYS A 18 -9.85 -7.82 -14.12
N ILE A 19 -10.19 -6.72 -13.44
CA ILE A 19 -10.56 -6.73 -12.03
C ILE A 19 -11.93 -6.05 -11.98
N GLY A 20 -12.97 -6.82 -11.68
CA GLY A 20 -14.32 -6.26 -11.83
C GLY A 20 -14.51 -5.74 -13.25
N LYS A 21 -14.98 -4.50 -13.38
CA LYS A 21 -15.22 -3.90 -14.68
C LYS A 21 -13.98 -3.29 -15.32
N HIS A 22 -12.83 -3.33 -14.65
CA HIS A 22 -11.67 -2.56 -15.06
C HIS A 22 -10.57 -3.46 -15.58
N THR A 23 -9.97 -3.07 -16.70
CA THR A 23 -8.86 -3.79 -17.31
C THR A 23 -7.59 -2.95 -17.24
N ILE A 24 -6.50 -3.56 -16.77
CA ILE A 24 -5.18 -2.95 -16.83
C ILE A 24 -4.37 -3.72 -17.87
N LYS A 25 -3.50 -3.00 -18.58
CA LYS A 25 -2.81 -3.60 -19.71
C LYS A 25 -1.80 -4.65 -19.25
N PHE A 26 -1.21 -4.48 -18.08
CA PHE A 26 -0.24 -5.44 -17.57
C PHE A 26 -0.69 -5.94 -16.20
N PRO A 27 -0.45 -7.23 -15.87
CA PRO A 27 -0.97 -7.82 -14.64
C PRO A 27 -0.11 -7.45 -13.42
N ILE A 28 0.13 -6.15 -13.27
CA ILE A 28 1.05 -5.60 -12.26
C ILE A 28 0.35 -4.44 -11.55
N PHE A 29 0.32 -4.48 -10.21
CA PHE A 29 -0.06 -3.34 -9.39
C PHE A 29 1.20 -2.70 -8.82
N GLN A 30 1.28 -1.38 -8.87
CA GLN A 30 2.20 -0.66 -8.00
C GLN A 30 1.52 -0.55 -6.63
N GLY A 31 2.11 -1.17 -5.63
CA GLY A 31 1.48 -1.21 -4.31
C GLY A 31 1.38 0.18 -3.69
N GLY A 32 0.25 0.42 -3.01
CA GLY A 32 0.09 1.69 -2.32
C GLY A 32 1.13 1.84 -1.22
N MET A 33 1.58 3.08 -1.01
CA MET A 33 2.66 3.39 -0.07
C MET A 33 2.33 4.71 0.61
N GLY A 34 2.06 4.68 1.92
CA GLY A 34 1.83 5.91 2.68
C GLY A 34 3.01 6.26 3.57
N VAL A 35 3.16 7.51 4.03
CA VAL A 35 2.32 8.66 3.68
C VAL A 35 3.00 9.42 2.54
N GLY A 36 2.25 9.72 1.48
CA GLY A 36 2.77 10.60 0.46
C GLY A 36 3.82 9.98 -0.42
N ILE A 37 3.94 8.67 -0.40
CA ILE A 37 4.92 8.00 -1.24
C ILE A 37 4.33 7.70 -2.62
N SER A 38 3.13 7.12 -2.68
CA SER A 38 2.46 6.87 -3.96
C SER A 38 1.25 7.79 -4.08
N TRP A 39 1.51 9.04 -4.49
CA TRP A 39 0.45 9.98 -4.80
C TRP A 39 0.44 10.22 -6.32
N ASP A 40 0.20 11.45 -6.78
CA ASP A 40 -0.18 11.65 -8.19
C ASP A 40 0.97 11.38 -9.15
N GLU A 41 2.20 11.79 -8.83
CA GLU A 41 3.27 11.57 -9.80
C GLU A 41 3.58 10.08 -9.96
N LEU A 42 3.65 9.34 -8.86
CA LEU A 42 3.96 7.92 -8.98
C LEU A 42 2.77 7.16 -9.58
N ALA A 43 1.60 7.24 -8.94
CA ALA A 43 0.47 6.44 -9.40
C ALA A 43 0.02 6.83 -10.80
N GLY A 44 0.01 8.13 -11.10
CA GLY A 44 -0.37 8.57 -12.44
C GLY A 44 0.57 8.04 -13.52
N ASN A 45 1.87 8.05 -13.25
CA ASN A 45 2.78 7.53 -14.26
C ASN A 45 2.70 6.02 -14.38
N VAL A 46 2.54 5.30 -13.27
CA VAL A 46 2.36 3.86 -13.37
C VAL A 46 1.17 3.52 -14.26
N ALA A 47 0.04 4.20 -14.01
CA ALA A 47 -1.17 3.92 -14.78
C ALA A 47 -1.00 4.31 -16.24
N LYS A 48 -0.25 5.39 -16.49
CA LYS A 48 0.02 5.77 -17.87
C LYS A 48 0.77 4.66 -18.61
N GLU A 49 1.66 3.95 -17.91
CA GLU A 49 2.43 2.88 -18.52
C GLU A 49 1.67 1.56 -18.60
N GLY A 50 0.43 1.51 -18.11
CA GLY A 50 -0.44 0.36 -18.27
C GLY A 50 -0.49 -0.63 -17.11
N ALA A 51 0.18 -0.34 -16.00
CA ALA A 51 -0.01 -1.10 -14.76
C ALA A 51 -1.00 -0.37 -13.88
N LEU A 52 -1.41 -0.99 -12.77
CA LEU A 52 -2.35 -0.30 -11.87
C LEU A 52 -1.57 0.67 -10.99
N GLY A 53 -1.79 1.97 -11.18
CA GLY A 53 -1.28 2.95 -10.22
C GLY A 53 -2.21 3.00 -9.02
N VAL A 54 -1.63 3.09 -7.83
CA VAL A 54 -2.40 3.03 -6.60
C VAL A 54 -2.05 4.24 -5.75
N ILE A 55 -3.03 5.10 -5.53
CA ILE A 55 -2.88 6.28 -4.69
C ILE A 55 -3.16 5.87 -3.25
N SER A 56 -2.20 6.14 -2.37
CA SER A 56 -2.43 5.96 -0.94
C SER A 56 -3.34 7.06 -0.40
N ALA A 57 -4.42 6.68 0.29
CA ALA A 57 -5.36 7.66 0.83
C ALA A 57 -5.04 8.06 2.27
N VAL A 58 -3.90 7.64 2.82
CA VAL A 58 -3.59 7.84 4.23
CA VAL A 58 -3.62 7.87 4.23
C VAL A 58 -2.78 9.13 4.39
N GLY A 59 -3.18 9.98 5.34
CA GLY A 59 -2.38 11.16 5.62
C GLY A 59 -2.33 12.18 4.50
N THR A 60 -3.35 12.20 3.65
CA THR A 60 -3.41 13.15 2.54
C THR A 60 -3.42 14.60 3.02
N GLY A 61 -3.78 14.87 4.27
CA GLY A 61 -3.64 16.21 4.79
C GLY A 61 -2.24 16.79 4.66
N TYR A 62 -1.21 15.93 4.62
CA TYR A 62 0.16 16.43 4.47
C TYR A 62 0.47 16.96 3.08
N TYR A 63 -0.36 16.64 2.08
CA TYR A 63 -0.12 17.02 0.69
C TYR A 63 0.21 18.49 0.54
N LYS A 64 1.33 18.77 -0.14
CA LYS A 64 1.77 20.14 -0.42
C LYS A 64 1.92 20.92 0.88
N ASN A 65 2.45 20.26 1.90
CA ASN A 65 2.74 20.85 3.22
C ASN A 65 1.46 21.44 3.82
N MET A 66 0.43 20.61 3.90
CA MET A 66 -0.88 20.94 4.50
C MET A 66 -1.55 22.14 3.85
N ARG A 67 -1.42 22.24 2.53
CA ARG A 67 -2.12 23.29 1.80
C ARG A 67 -3.64 23.16 1.91
N PHE A 68 -4.17 21.95 2.10
CA PHE A 68 -5.59 21.71 1.89
C PHE A 68 -6.35 21.36 3.16
N VAL A 69 -5.74 21.49 4.33
CA VAL A 69 -6.43 21.14 5.56
C VAL A 69 -7.18 22.36 6.08
N GLU A 70 -8.17 22.11 6.94
CA GLU A 70 -8.90 23.19 7.59
C GLU A 70 -8.28 23.62 8.91
N ARG A 71 -7.59 22.71 9.60
CA ARG A 71 -7.01 23.06 10.88
C ARG A 71 -5.71 22.32 11.08
N ILE A 72 -4.69 23.04 11.54
CA ILE A 72 -3.36 22.53 11.82
C ILE A 72 -3.09 22.76 13.30
N VAL A 73 -2.63 21.73 14.00
CA VAL A 73 -2.19 21.84 15.40
C VAL A 73 -0.78 21.31 15.50
N ALA A 74 0.13 22.12 16.05
CA ALA A 74 1.52 21.70 16.25
C ALA A 74 2.12 21.20 14.94
N LYS A 75 1.80 21.89 13.84
CA LYS A 75 2.26 21.56 12.48
C LYS A 75 1.75 20.17 12.05
N LYS A 76 0.74 19.67 12.70
CA LYS A 76 0.27 18.35 12.25
C LYS A 76 -1.14 18.58 11.82
N PRO A 77 -1.83 17.83 10.78
CA PRO A 77 -3.27 17.90 10.49
C PRO A 77 -4.08 17.49 11.71
N PHE A 78 -5.09 18.31 12.04
CA PHE A 78 -5.86 18.10 13.26
C PHE A 78 -6.96 17.07 13.04
N GLU A 79 -6.90 15.98 13.79
CA GLU A 79 -7.91 14.92 13.74
C GLU A 79 -8.04 14.18 12.40
N ALA A 80 -8.87 13.16 12.42
CA ALA A 80 -8.89 12.36 11.19
C ALA A 80 -9.50 13.13 10.03
N LEU A 81 -10.40 14.07 10.32
CA LEU A 81 -11.00 14.91 9.29
C LEU A 81 -9.96 15.61 8.44
N ASN A 82 -8.87 16.08 9.05
CA ASN A 82 -7.82 16.77 8.32
C ASN A 82 -6.66 15.87 7.91
N PHE A 83 -6.37 14.83 8.70
CA PHE A 83 -5.33 13.88 8.31
C PHE A 83 -5.72 13.12 7.05
N TYR A 84 -6.99 12.68 6.94
CA TYR A 84 -7.53 12.08 5.71
C TYR A 84 -8.38 13.16 5.04
N SER A 85 -7.70 14.04 4.31
CA SER A 85 -8.31 15.25 3.77
C SER A 85 -8.99 14.94 2.45
N LYS A 86 -10.32 15.12 2.41
CA LYS A 86 -11.07 14.91 1.18
C LYS A 86 -10.58 15.82 0.07
N LYS A 87 -10.35 17.10 0.40
CA LYS A 87 -9.91 18.04 -0.61
C LYS A 87 -8.55 17.64 -1.18
N ALA A 88 -7.61 17.25 -0.31
CA ALA A 88 -6.31 16.81 -0.81
C ALA A 88 -6.44 15.55 -1.64
N LEU A 89 -7.26 14.59 -1.19
CA LEU A 89 -7.43 13.35 -1.96
C LEU A 89 -8.01 13.65 -3.34
N ASN A 90 -8.98 14.56 -3.43
CA ASN A 90 -9.51 14.96 -4.73
C ASN A 90 -8.43 15.54 -5.63
N GLU A 91 -7.55 16.37 -5.06
CA GLU A 91 -6.52 17.02 -5.85
C GLU A 91 -5.49 16.01 -6.35
N ILE A 92 -5.13 15.05 -5.50
CA ILE A 92 -4.18 14.01 -5.89
C ILE A 92 -4.75 13.18 -7.04
N PHE A 93 -6.01 12.74 -6.92
CA PHE A 93 -6.61 11.98 -8.01
C PHE A 93 -6.72 12.83 -9.27
N ALA A 94 -7.14 14.09 -9.14
CA ALA A 94 -7.26 14.93 -10.33
C ALA A 94 -5.91 15.09 -11.02
N ASN A 95 -4.85 15.34 -10.25
CA ASN A 95 -3.52 15.48 -10.84
C ASN A 95 -3.05 14.17 -11.47
N ALA A 96 -3.38 13.03 -10.85
CA ALA A 96 -3.05 11.74 -11.45
C ALA A 96 -3.75 11.56 -12.80
N ARG A 97 -5.01 11.99 -12.91
CA ARG A 97 -5.75 11.81 -14.15
C ARG A 97 -5.18 12.65 -15.29
N LYS A 98 -4.56 13.79 -14.97
CA LYS A 98 -3.90 14.58 -16.01
C LYS A 98 -2.81 13.76 -16.70
N ILE A 99 -2.19 12.85 -15.96
CA ILE A 99 -1.10 12.02 -16.48
C ILE A 99 -1.63 10.75 -17.15
N CYS A 100 -2.59 10.06 -16.52
CA CYS A 100 -2.94 8.70 -16.97
C CYS A 100 -4.28 8.61 -17.69
N GLY A 101 -5.07 9.69 -17.74
CA GLY A 101 -6.34 9.60 -18.42
C GLY A 101 -7.23 8.51 -17.84
N ASN A 102 -7.80 7.68 -18.72
CA ASN A 102 -8.74 6.64 -18.30
C ASN A 102 -8.05 5.36 -17.85
N ASN A 103 -6.72 5.30 -17.81
CA ASN A 103 -6.08 4.12 -17.24
C ASN A 103 -6.49 3.97 -15.78
N PRO A 104 -6.85 2.77 -15.33
CA PRO A 104 -7.41 2.64 -13.98
C PRO A 104 -6.41 3.01 -12.89
N LEU A 105 -6.97 3.53 -11.79
CA LEU A 105 -6.25 3.85 -10.57
C LEU A 105 -6.92 3.17 -9.39
N GLY A 106 -6.12 2.74 -8.43
CA GLY A 106 -6.64 2.26 -7.17
C GLY A 106 -6.44 3.29 -6.07
N ALA A 107 -7.18 3.12 -4.97
CA ALA A 107 -6.94 3.85 -3.74
C ALA A 107 -6.67 2.83 -2.66
N ASN A 108 -5.58 3.02 -1.91
CA ASN A 108 -5.22 2.12 -0.82
C ASN A 108 -5.63 2.74 0.51
N ILE A 109 -6.39 2.00 1.31
CA ILE A 109 -6.89 2.49 2.60
C ILE A 109 -6.70 1.38 3.62
N LEU A 110 -5.85 1.61 4.62
CA LEU A 110 -5.72 0.64 5.70
C LEU A 110 -7.04 0.52 6.45
N TYR A 111 -7.43 -0.72 6.76
CA TYR A 111 -8.68 -0.91 7.51
C TYR A 111 -8.59 -0.29 8.89
N ALA A 112 -7.39 -0.25 9.46
CA ALA A 112 -7.18 0.28 10.80
C ALA A 112 -7.45 1.76 10.94
N ILE A 113 -7.57 2.52 9.84
CA ILE A 113 -7.66 3.96 10.02
C ILE A 113 -8.98 4.31 10.70
N ASN A 114 -8.95 5.37 11.49
CA ASN A 114 -10.19 6.04 11.85
C ASN A 114 -10.83 6.65 10.60
N ASP A 115 -12.16 6.77 10.62
CA ASP A 115 -12.94 7.29 9.49
C ASP A 115 -12.82 6.41 8.24
N TYR A 116 -12.63 5.10 8.41
CA TYR A 116 -12.40 4.24 7.26
C TYR A 116 -13.50 4.37 6.21
N GLY A 117 -14.76 4.25 6.64
CA GLY A 117 -15.86 4.32 5.69
C GLY A 117 -15.93 5.64 4.94
N ARG A 118 -15.65 6.74 5.64
CA ARG A 118 -15.67 8.04 4.97
C ARG A 118 -14.58 8.15 3.92
N VAL A 119 -13.38 7.65 4.24
CA VAL A 119 -12.29 7.71 3.28
C VAL A 119 -12.56 6.79 2.10
N LEU A 120 -13.18 5.64 2.33
CA LEU A 120 -13.56 4.81 1.20
C LEU A 120 -14.51 5.56 0.26
N ARG A 121 -15.55 6.19 0.82
CA ARG A 121 -16.48 6.93 -0.03
C ARG A 121 -15.79 8.09 -0.73
N ASP A 122 -14.90 8.80 -0.02
CA ASP A 122 -14.14 9.88 -0.62
C ASP A 122 -13.34 9.38 -1.82
N SER A 123 -12.74 8.20 -1.68
CA SER A 123 -11.93 7.65 -2.76
C SER A 123 -12.78 7.30 -3.96
N CYS A 124 -13.96 6.72 -3.74
CA CYS A 124 -14.90 6.49 -4.84
C CYS A 124 -15.32 7.79 -5.49
N GLU A 125 -15.67 8.79 -4.69
CA GLU A 125 -16.09 10.08 -5.22
C GLU A 125 -14.96 10.80 -5.95
N ALA A 126 -13.71 10.52 -5.59
CA ALA A 126 -12.57 11.08 -6.30
C ALA A 126 -12.25 10.37 -7.61
N GLY A 127 -12.96 9.30 -7.94
CA GLY A 127 -12.80 8.63 -9.21
C GLY A 127 -12.02 7.33 -9.20
N ALA A 128 -11.71 6.77 -8.03
CA ALA A 128 -10.98 5.51 -7.99
C ALA A 128 -11.73 4.40 -8.70
N ASN A 129 -10.97 3.55 -9.42
CA ASN A 129 -11.56 2.35 -10.04
C ASN A 129 -11.64 1.18 -9.06
N ILE A 130 -10.71 1.16 -8.09
CA ILE A 130 -10.42 0.02 -7.23
C ILE A 130 -10.10 0.55 -5.84
N ILE A 131 -10.61 -0.14 -4.80
CA ILE A 131 -10.20 0.10 -3.42
C ILE A 131 -9.41 -1.11 -2.95
N ILE A 132 -8.25 -0.87 -2.35
CA ILE A 132 -7.40 -1.93 -1.79
C ILE A 132 -7.27 -1.69 -0.29
N THR A 133 -7.53 -2.72 0.52
CA THR A 133 -7.50 -2.55 1.98
C THR A 133 -6.86 -3.74 2.68
N GLY A 134 -5.81 -3.47 3.45
CA GLY A 134 -5.22 -4.43 4.38
C GLY A 134 -5.24 -3.89 5.80
N ALA A 135 -4.26 -4.31 6.62
CA ALA A 135 -4.18 -3.91 8.04
C ALA A 135 -5.53 -4.14 8.75
N GLY A 136 -6.05 -5.34 8.60
CA GLY A 136 -7.30 -5.72 9.20
C GLY A 136 -8.01 -6.73 8.32
N LEU A 137 -9.16 -7.20 8.82
CA LEU A 137 -10.06 -8.09 8.09
C LEU A 137 -11.28 -7.31 7.67
N PRO A 138 -11.36 -6.82 6.42
CA PRO A 138 -12.33 -5.77 6.06
C PRO A 138 -13.68 -6.37 5.67
N THR A 139 -14.36 -6.90 6.68
CA THR A 139 -15.61 -7.63 6.47
C THR A 139 -16.79 -6.75 6.09
N ASN A 140 -16.72 -5.43 6.27
CA ASN A 140 -17.84 -4.57 5.93
C ASN A 140 -17.51 -3.58 4.82
N MET A 141 -16.46 -3.86 4.06
CA MET A 141 -16.06 -2.97 2.98
C MET A 141 -17.22 -2.67 2.00
N PRO A 142 -18.07 -3.64 1.61
CA PRO A 142 -19.18 -3.29 0.71
C PRO A 142 -20.22 -2.34 1.31
N GLU A 143 -20.34 -2.26 2.64
CA GLU A 143 -21.29 -1.32 3.22
CA GLU A 143 -21.27 -1.31 3.23
C GLU A 143 -21.00 0.10 2.76
N PHE A 144 -19.73 0.48 2.69
CA PHE A 144 -19.37 1.84 2.35
C PHE A 144 -19.29 2.07 0.85
N ALA A 145 -19.21 0.99 0.07
CA ALA A 145 -19.05 1.08 -1.38
C ALA A 145 -20.35 0.95 -2.16
N LYS A 146 -21.48 0.70 -1.48
CA LYS A 146 -22.67 0.26 -2.19
C LYS A 146 -23.27 1.31 -3.12
N ASP A 147 -22.99 2.59 -2.89
CA ASP A 147 -23.46 3.62 -3.82
C ASP A 147 -22.52 3.80 -5.01
N PHE A 148 -21.45 3.01 -5.09
CA PHE A 148 -20.46 3.09 -6.17
C PHE A 148 -20.17 1.68 -6.67
N SER A 149 -21.19 1.03 -7.24
CA SER A 149 -21.05 -0.39 -7.53
C SER A 149 -20.04 -0.68 -8.64
N ASP A 150 -19.63 0.34 -9.40
CA ASP A 150 -18.62 0.16 -10.42
C ASP A 150 -17.22 -0.03 -9.83
N VAL A 151 -17.00 0.40 -8.60
CA VAL A 151 -15.68 0.34 -7.98
C VAL A 151 -15.40 -1.09 -7.52
N ALA A 152 -14.25 -1.64 -7.95
CA ALA A 152 -13.86 -2.98 -7.53
C ALA A 152 -13.20 -2.93 -6.16
N LEU A 153 -13.37 -4.00 -5.39
CA LEU A 153 -12.93 -4.05 -3.99
C LEU A 153 -11.96 -5.20 -3.81
N ILE A 154 -10.79 -4.92 -3.21
CA ILE A 154 -9.71 -5.89 -3.12
C ILE A 154 -9.14 -5.92 -1.69
N PRO A 155 -9.53 -6.89 -0.86
CA PRO A 155 -8.83 -7.06 0.43
C PRO A 155 -7.43 -7.60 0.25
N ILE A 156 -6.54 -7.20 1.17
CA ILE A 156 -5.22 -7.80 1.30
C ILE A 156 -5.29 -8.84 2.42
N ILE A 157 -4.84 -10.06 2.13
CA ILE A 157 -4.93 -11.16 3.07
C ILE A 157 -3.59 -11.86 3.11
N SER A 158 -3.43 -12.73 4.09
CA SER A 158 -2.19 -13.49 4.20
CA SER A 158 -2.19 -13.49 4.23
C SER A 158 -2.44 -14.98 4.33
N SER A 159 -3.68 -15.44 4.20
CA SER A 159 -3.98 -16.86 4.39
C SER A 159 -5.22 -17.26 3.60
N ALA A 160 -5.31 -18.56 3.30
CA ALA A 160 -6.53 -19.11 2.70
C ALA A 160 -7.73 -18.93 3.63
N LYS A 161 -7.53 -19.11 4.94
CA LYS A 161 -8.56 -18.87 5.94
C LYS A 161 -9.22 -17.51 5.78
N ALA A 162 -8.42 -16.46 5.65
CA ALA A 162 -8.97 -15.11 5.51
C ALA A 162 -9.80 -14.99 4.24
N LEU A 163 -9.33 -15.59 3.13
CA LEU A 163 -10.11 -15.55 1.91
C LEU A 163 -11.50 -16.13 2.15
N LYS A 164 -11.55 -17.30 2.80
CA LYS A 164 -12.82 -17.99 3.02
C LYS A 164 -13.75 -17.16 3.90
N ILE A 165 -13.21 -16.58 4.98
CA ILE A 165 -14.04 -15.80 5.89
C ILE A 165 -14.62 -14.58 5.16
N LEU A 166 -13.78 -13.86 4.43
CA LEU A 166 -14.26 -12.67 3.72
C LEU A 166 -15.33 -13.03 2.70
N CYS A 167 -15.10 -14.08 1.90
CA CYS A 167 -16.10 -14.45 0.90
C CYS A 167 -17.42 -14.88 1.56
N LYS A 168 -17.34 -15.73 2.58
CA LYS A 168 -18.54 -16.14 3.32
C LYS A 168 -19.32 -14.96 3.85
N ARG A 169 -18.64 -14.06 4.57
CA ARG A 169 -19.36 -13.00 5.27
C ARG A 169 -19.84 -11.92 4.31
N TRP A 170 -19.04 -11.55 3.30
CA TRP A 170 -19.54 -10.62 2.30
C TRP A 170 -20.74 -11.19 1.57
N SER A 171 -20.68 -12.47 1.19
CA SER A 171 -21.79 -13.06 0.45
CA SER A 171 -21.78 -13.06 0.45
C SER A 171 -23.03 -13.12 1.32
N ASP A 172 -22.89 -13.60 2.55
CA ASP A 172 -24.06 -13.65 3.41
C ASP A 172 -24.67 -12.27 3.61
N ARG A 173 -23.87 -11.24 3.75
CA ARG A 173 -24.48 -10.03 4.22
C ARG A 173 -24.73 -9.00 3.11
N TYR A 174 -23.97 -9.04 2.02
CA TYR A 174 -24.09 -8.08 0.94
C TYR A 174 -24.41 -8.71 -0.41
N LYS A 175 -24.57 -10.04 -0.47
CA LYS A 175 -24.63 -10.86 -1.68
C LYS A 175 -23.60 -10.37 -2.70
N ARG A 176 -22.37 -10.12 -2.24
CA ARG A 176 -21.26 -9.66 -3.06
C ARG A 176 -20.04 -10.41 -2.55
N ILE A 177 -19.06 -10.64 -3.42
CA ILE A 177 -17.77 -11.12 -2.95
C ILE A 177 -16.66 -10.26 -3.56
N PRO A 178 -15.45 -10.34 -3.03
CA PRO A 178 -14.38 -9.48 -3.53
C PRO A 178 -14.08 -9.69 -5.01
N ASP A 179 -13.61 -8.61 -5.65
CA ASP A 179 -13.21 -8.66 -7.05
C ASP A 179 -11.82 -9.24 -7.25
N ALA A 180 -10.99 -9.18 -6.22
CA ALA A 180 -9.68 -9.81 -6.24
C ALA A 180 -9.21 -9.87 -4.79
N PHE A 181 -8.13 -10.63 -4.58
CA PHE A 181 -7.41 -10.63 -3.32
C PHE A 181 -5.94 -10.42 -3.60
N ILE A 182 -5.30 -9.58 -2.79
CA ILE A 182 -3.84 -9.49 -2.76
C ILE A 182 -3.37 -10.35 -1.61
N VAL A 183 -2.46 -11.29 -1.88
CA VAL A 183 -1.80 -12.08 -0.85
C VAL A 183 -0.46 -11.44 -0.57
N GLU A 184 -0.30 -10.85 0.61
CA GLU A 184 0.89 -10.10 0.96
C GLU A 184 1.78 -10.98 1.86
N GLY A 185 2.93 -11.36 1.33
CA GLY A 185 3.84 -12.23 2.05
C GLY A 185 4.74 -11.47 2.98
N PRO A 186 5.55 -12.21 3.73
CA PRO A 186 6.34 -11.62 4.82
C PRO A 186 7.60 -10.88 4.38
N LEU A 187 7.85 -10.70 3.08
CA LEU A 187 8.95 -9.86 2.63
C LEU A 187 8.49 -8.45 2.25
N SER A 188 7.21 -8.16 2.44
CA SER A 188 6.64 -6.88 2.04
CA SER A 188 6.62 -6.89 2.05
C SER A 188 7.18 -5.74 2.89
N GLY A 189 7.00 -4.50 2.39
CA GLY A 189 7.30 -3.33 3.18
C GLY A 189 6.11 -2.90 4.00
N GLY A 190 6.37 -2.08 5.02
CA GLY A 190 5.25 -1.64 5.85
C GLY A 190 4.73 -2.77 6.75
N HIS A 191 3.42 -2.73 7.04
CA HIS A 191 2.86 -3.67 8.01
C HIS A 191 2.69 -5.07 7.45
N GLN A 192 3.02 -6.05 8.29
CA GLN A 192 2.95 -7.46 7.92
C GLN A 192 1.61 -8.06 8.35
N GLY A 193 1.12 -9.02 7.56
CA GLY A 193 -0.11 -9.70 7.93
C GLY A 193 0.16 -10.96 8.73
N PHE A 194 1.24 -10.94 9.49
CA PHE A 194 1.66 -12.08 10.30
C PHE A 194 1.98 -11.60 11.71
N LYS A 195 1.75 -12.48 12.68
CA LYS A 195 2.26 -12.24 14.03
C LYS A 195 3.77 -12.06 13.97
N TYR A 196 4.29 -11.24 14.88
CA TYR A 196 5.73 -10.98 14.90
C TYR A 196 6.53 -12.26 14.87
N GLU A 197 6.16 -13.22 15.72
CA GLU A 197 6.90 -14.48 15.82
C GLU A 197 6.83 -15.33 14.56
N ASP A 198 5.95 -15.01 13.61
CA ASP A 198 5.82 -15.74 12.37
C ASP A 198 6.50 -15.04 11.19
N CYS A 199 7.13 -13.89 11.41
CA CYS A 199 7.64 -13.12 10.28
C CYS A 199 8.95 -13.62 9.69
N PHE A 200 9.63 -14.57 10.34
CA PHE A 200 10.84 -15.18 9.78
C PHE A 200 10.70 -16.71 9.80
N LYS A 201 9.60 -17.20 9.27
CA LYS A 201 9.26 -18.61 9.26
C LYS A 201 8.95 -19.04 7.83
N GLU A 202 9.64 -20.08 7.36
CA GLU A 202 9.52 -20.47 5.96
C GLU A 202 8.11 -20.95 5.60
N GLU A 203 7.33 -21.43 6.58
CA GLU A 203 5.97 -21.85 6.31
C GLU A 203 5.18 -20.79 5.55
N PHE A 204 5.44 -19.52 5.85
CA PHE A 204 4.63 -18.43 5.33
C PHE A 204 5.31 -17.70 4.16
N ARG A 205 6.35 -18.27 3.57
CA ARG A 205 6.91 -17.61 2.41
C ARG A 205 5.90 -17.61 1.25
N LEU A 206 6.01 -16.57 0.43
CA LEU A 206 4.95 -16.27 -0.52
C LEU A 206 4.67 -17.43 -1.47
N GLU A 207 5.71 -18.15 -1.89
CA GLU A 207 5.49 -19.28 -2.79
C GLU A 207 4.69 -20.39 -2.15
N ASN A 208 4.67 -20.48 -0.81
CA ASN A 208 3.79 -21.45 -0.15
C ASN A 208 2.37 -20.93 -0.04
N LEU A 209 2.20 -19.63 0.21
CA LEU A 209 0.87 -19.05 0.39
C LEU A 209 0.07 -19.03 -0.90
N VAL A 210 0.70 -18.68 -2.02
CA VAL A 210 -0.06 -18.45 -3.26
C VAL A 210 -0.86 -19.69 -3.67
N PRO A 211 -0.28 -20.90 -3.76
CA PRO A 211 -1.11 -22.06 -4.14
C PRO A 211 -2.26 -22.31 -3.18
N LYS A 212 -2.06 -22.11 -1.89
CA LYS A 212 -3.13 -22.34 -0.93
C LYS A 212 -4.26 -21.35 -1.12
N VAL A 213 -3.94 -20.08 -1.40
CA VAL A 213 -4.99 -19.10 -1.59
C VAL A 213 -5.70 -19.32 -2.93
N VAL A 214 -4.93 -19.59 -4.00
CA VAL A 214 -5.52 -19.92 -5.29
C VAL A 214 -6.46 -21.11 -5.18
N GLU A 215 -6.04 -22.16 -4.46
CA GLU A 215 -6.92 -23.32 -4.25
C GLU A 215 -8.20 -22.91 -3.53
N ALA A 216 -8.10 -22.09 -2.49
CA ALA A 216 -9.31 -21.67 -1.79
C ALA A 216 -10.22 -20.84 -2.68
N SER A 217 -9.62 -20.15 -3.67
CA SER A 217 -10.39 -19.23 -4.50
C SER A 217 -11.26 -19.99 -5.50
N LYS A 218 -10.92 -21.25 -5.73
CA LYS A 218 -11.71 -22.07 -6.66
C LYS A 218 -13.17 -22.14 -6.21
N GLU A 219 -13.43 -22.36 -4.92
CA GLU A 219 -14.77 -22.45 -4.37
C GLU A 219 -15.64 -21.28 -4.81
N TRP A 220 -15.04 -20.11 -5.05
CA TRP A 220 -15.78 -18.87 -5.30
C TRP A 220 -15.59 -18.37 -6.73
N GLY A 221 -15.22 -19.24 -7.66
CA GLY A 221 -15.17 -18.87 -9.05
C GLY A 221 -13.83 -18.36 -9.55
N ASN A 222 -12.74 -18.71 -8.86
CA ASN A 222 -11.39 -18.28 -9.26
C ASN A 222 -11.27 -16.75 -9.25
N ILE A 223 -11.64 -16.15 -8.13
CA ILE A 223 -11.35 -14.75 -7.88
C ILE A 223 -9.87 -14.51 -8.12
N PRO A 224 -9.47 -13.49 -8.87
CA PRO A 224 -8.04 -13.32 -9.17
C PRO A 224 -7.22 -13.10 -7.91
N ILE A 225 -6.08 -13.79 -7.83
CA ILE A 225 -5.17 -13.69 -6.70
C ILE A 225 -3.92 -12.92 -7.15
N ILE A 226 -3.59 -11.86 -6.41
CA ILE A 226 -2.49 -10.97 -6.75
C ILE A 226 -1.40 -11.18 -5.71
N ALA A 227 -0.22 -11.66 -6.13
CA ALA A 227 0.84 -11.97 -5.18
C ALA A 227 1.69 -10.73 -4.88
N ALA A 228 2.08 -10.57 -3.61
CA ALA A 228 2.86 -9.40 -3.22
C ALA A 228 3.85 -9.77 -2.13
N GLY A 229 5.02 -9.11 -2.17
CA GLY A 229 6.02 -9.23 -1.13
C GLY A 229 7.28 -9.93 -1.61
N GLY A 230 8.32 -9.15 -1.91
CA GLY A 230 9.58 -9.73 -2.33
C GLY A 230 9.71 -10.02 -3.80
N ILE A 231 8.75 -9.58 -4.61
CA ILE A 231 8.80 -9.77 -6.06
C ILE A 231 9.64 -8.65 -6.64
N TRP A 232 10.75 -9.02 -7.27
CA TRP A 232 11.75 -8.05 -7.70
C TRP A 232 11.77 -7.84 -9.21
N ASP A 233 11.68 -8.89 -10.00
CA ASP A 233 11.86 -8.74 -11.45
C ASP A 233 10.93 -9.71 -12.17
N ARG A 234 11.05 -9.76 -13.51
CA ARG A 234 10.17 -10.60 -14.32
C ARG A 234 10.28 -12.07 -13.96
N LYS A 235 11.48 -12.53 -13.59
CA LYS A 235 11.63 -13.91 -13.17
C LYS A 235 10.73 -14.20 -11.98
N ASP A 236 10.69 -13.29 -11.01
CA ASP A 236 9.82 -13.49 -9.85
C ASP A 236 8.35 -13.38 -10.23
N ILE A 237 8.00 -12.46 -11.13
CA ILE A 237 6.64 -12.38 -11.66
C ILE A 237 6.24 -13.72 -12.27
N ASP A 238 7.10 -14.26 -13.13
CA ASP A 238 6.76 -15.53 -13.79
C ASP A 238 6.60 -16.65 -12.77
N THR A 239 7.43 -16.66 -11.73
CA THR A 239 7.28 -17.66 -10.68
C THR A 239 5.89 -17.61 -10.05
N MET A 240 5.45 -16.41 -9.67
CA MET A 240 4.16 -16.24 -9.03
C MET A 240 3.02 -16.61 -9.98
N LEU A 241 3.10 -16.19 -11.24
CA LEU A 241 2.06 -16.56 -12.20
C LEU A 241 2.00 -18.08 -12.39
N SER A 242 3.16 -18.74 -12.40
CA SER A 242 3.17 -20.19 -12.57
C SER A 242 2.58 -20.92 -11.36
N LEU A 243 2.57 -20.29 -10.19
CA LEU A 243 1.89 -20.85 -9.01
C LEU A 243 0.40 -20.55 -8.98
N GLY A 244 -0.13 -19.86 -9.99
CA GLY A 244 -1.56 -19.63 -10.07
C GLY A 244 -2.01 -18.20 -9.79
N ALA A 245 -1.11 -17.32 -9.37
CA ALA A 245 -1.49 -15.91 -9.27
C ALA A 245 -1.90 -15.38 -10.64
N SER A 246 -2.88 -14.48 -10.64
CA SER A 246 -3.27 -13.79 -11.86
C SER A 246 -2.47 -12.51 -12.10
N GLY A 247 -1.79 -12.00 -11.08
CA GLY A 247 -0.94 -10.83 -11.24
C GLY A 247 -0.09 -10.66 -10.00
N VAL A 248 0.71 -9.59 -10.00
CA VAL A 248 1.58 -9.28 -8.87
C VAL A 248 1.33 -7.85 -8.43
N GLN A 249 1.64 -7.59 -7.16
CA GLN A 249 1.75 -6.23 -6.65
C GLN A 249 3.18 -6.03 -6.15
N MET A 250 3.80 -4.94 -6.59
CA MET A 250 5.19 -4.64 -6.31
C MET A 250 5.27 -3.20 -5.81
N ALA A 251 6.06 -2.98 -4.75
CA ALA A 251 6.18 -1.63 -4.21
C ALA A 251 7.64 -1.17 -4.15
N THR A 252 8.52 -1.99 -3.58
CA THR A 252 9.92 -1.55 -3.39
C THR A 252 10.56 -1.12 -4.70
N ARG A 253 10.31 -1.84 -5.81
CA ARG A 253 10.88 -1.40 -7.09
C ARG A 253 10.41 0.01 -7.44
N PHE A 254 9.14 0.32 -7.18
CA PHE A 254 8.58 1.64 -7.48
C PHE A 254 9.03 2.70 -6.48
N LEU A 255 9.27 2.29 -5.24
CA LEU A 255 9.92 3.17 -4.28
C LEU A 255 11.26 3.66 -4.81
N GLY A 256 11.87 2.88 -5.71
CA GLY A 256 13.14 3.24 -6.31
C GLY A 256 13.02 3.95 -7.63
N THR A 257 11.88 4.57 -7.94
CA THR A 257 11.75 5.30 -9.20
C THR A 257 11.73 6.80 -8.96
N LYS A 258 12.05 7.52 -10.04
CA LYS A 258 12.17 8.98 -9.99
C LYS A 258 10.83 9.60 -9.62
N GLU A 259 9.74 9.04 -10.10
CA GLU A 259 8.41 9.62 -9.97
C GLU A 259 7.82 9.45 -8.58
N CYS A 260 8.48 8.70 -7.69
CA CYS A 260 8.00 8.55 -6.33
C CYS A 260 7.74 9.92 -5.72
N ASP A 261 6.59 10.07 -5.05
CA ASP A 261 6.19 11.39 -4.57
C ASP A 261 6.92 11.79 -3.29
N ALA A 262 7.54 10.85 -2.60
CA ALA A 262 8.35 11.13 -1.42
C ALA A 262 9.79 11.15 -1.90
N LYS A 263 10.28 12.36 -2.19
CA LYS A 263 11.57 12.53 -2.87
C LYS A 263 12.75 12.11 -2.03
N VAL A 264 12.56 12.00 -0.72
CA VAL A 264 13.62 11.55 0.18
C VAL A 264 14.11 10.15 -0.20
N TYR A 265 13.22 9.29 -0.71
CA TYR A 265 13.63 7.90 -0.92
C TYR A 265 14.69 7.79 -2.02
N ALA A 266 14.71 8.71 -2.98
CA ALA A 266 15.77 8.64 -4.01
C ALA A 266 17.15 8.91 -3.42
N ASP A 267 17.21 9.68 -2.34
CA ASP A 267 18.47 9.88 -1.62
C ASP A 267 18.80 8.68 -0.74
N LEU A 268 17.78 8.12 -0.07
CA LEU A 268 18.02 7.16 1.00
C LEU A 268 18.24 5.75 0.48
N LEU A 269 17.41 5.31 -0.48
CA LEU A 269 17.45 3.90 -0.90
C LEU A 269 18.77 3.44 -1.51
N PRO A 270 19.43 4.18 -2.40
CA PRO A 270 20.72 3.69 -2.92
C PRO A 270 21.76 3.45 -1.82
N THR A 271 21.61 4.08 -0.66
CA THR A 271 22.55 3.89 0.43
C THR A 271 22.17 2.72 1.34
N LEU A 272 20.97 2.16 1.18
CA LEU A 272 20.42 1.26 2.17
C LEU A 272 21.18 -0.06 2.23
N LYS A 273 21.68 -0.40 3.40
CA LYS A 273 22.37 -1.65 3.65
C LYS A 273 21.40 -2.64 4.27
N LYS A 274 21.58 -3.91 3.96
CA LYS A 274 20.67 -4.93 4.48
C LYS A 274 20.55 -4.91 6.01
N GLU A 275 21.64 -4.61 6.71
CA GLU A 275 21.61 -4.68 8.20
C GLU A 275 20.68 -3.63 8.82
N ASP A 276 20.33 -2.62 8.05
CA ASP A 276 19.53 -1.51 8.52
C ASP A 276 18.06 -1.70 8.18
N ILE A 277 17.69 -2.90 7.73
CA ILE A 277 16.29 -3.24 7.54
C ILE A 277 15.80 -3.96 8.80
N LEU A 278 14.79 -3.38 9.44
CA LEU A 278 14.30 -3.85 10.72
C LEU A 278 12.84 -4.29 10.62
N LEU A 279 12.46 -5.11 11.58
CA LEU A 279 11.06 -5.40 11.85
C LEU A 279 10.72 -4.83 13.21
N ILE A 280 9.81 -3.86 13.25
CA ILE A 280 9.53 -3.08 14.45
C ILE A 280 8.06 -3.23 14.83
N LYS A 281 7.76 -2.86 16.07
CA LYS A 281 6.39 -2.72 16.52
C LYS A 281 5.81 -1.43 15.94
N SER A 282 4.48 -1.38 15.88
CA SER A 282 3.78 -0.25 15.31
C SER A 282 2.52 0.04 16.11
N PRO A 283 2.12 1.31 16.21
CA PRO A 283 0.83 1.62 16.87
C PRO A 283 -0.37 1.07 16.13
N VAL A 284 -0.20 0.69 14.86
CA VAL A 284 -1.29 0.03 14.14
C VAL A 284 -1.58 -1.37 14.67
N GLY A 285 -0.63 -2.00 15.33
CA GLY A 285 -0.84 -3.32 15.91
C GLY A 285 -0.38 -4.50 15.09
N TYR A 286 0.32 -4.27 13.99
CA TYR A 286 0.99 -5.28 13.19
C TYR A 286 2.48 -4.97 13.15
N PRO A 287 3.33 -5.98 12.99
CA PRO A 287 4.76 -5.70 12.77
C PRO A 287 4.93 -4.89 11.49
N ALA A 288 5.93 -4.02 11.48
CA ALA A 288 6.22 -3.21 10.30
C ALA A 288 7.69 -3.34 9.92
N ARG A 289 7.96 -3.43 8.61
CA ARG A 289 9.33 -3.45 8.12
C ARG A 289 9.77 -2.03 7.80
N ALA A 290 10.84 -1.59 8.45
CA ALA A 290 11.24 -0.19 8.43
C ALA A 290 12.75 -0.10 8.27
N ILE A 291 13.22 1.11 8.03
CA ILE A 291 14.65 1.38 7.92
C ILE A 291 15.15 1.92 9.25
N ASN A 292 16.32 1.43 9.67
CA ASN A 292 16.98 1.92 10.89
C ASN A 292 17.56 3.31 10.67
N THR A 293 16.68 4.31 10.67
CA THR A 293 17.08 5.70 10.44
C THR A 293 15.95 6.58 10.97
N GLY A 294 16.22 7.89 11.05
CA GLY A 294 15.14 8.80 11.43
C GLY A 294 14.65 8.57 12.85
N VAL A 295 13.32 8.59 13.03
CA VAL A 295 12.76 8.48 14.38
C VAL A 295 13.22 7.19 15.06
N ILE A 296 13.51 6.13 14.29
CA ILE A 296 13.91 4.88 14.91
C ILE A 296 15.26 5.05 15.61
N LYS A 297 16.18 5.79 14.99
CA LYS A 297 17.46 6.11 15.66
C LYS A 297 17.25 7.05 16.84
N ARG A 298 16.30 7.98 16.72
CA ARG A 298 16.04 8.90 17.82
C ARG A 298 15.52 8.16 19.04
N ILE A 299 14.70 7.12 18.81
CA ILE A 299 14.25 6.29 19.93
C ILE A 299 15.45 5.64 20.63
N GLU A 300 16.39 5.14 19.84
CA GLU A 300 17.57 4.50 20.42
C GLU A 300 18.38 5.49 21.25
N GLU A 301 18.52 6.72 20.75
CA GLU A 301 19.26 7.78 21.43
C GLU A 301 18.51 8.36 22.62
N GLY A 302 17.19 8.25 22.63
CA GLY A 302 16.37 8.82 23.69
C GLY A 302 15.90 10.23 23.44
N ASN A 303 16.00 10.73 22.20
CA ASN A 303 15.63 12.12 21.89
C ASN A 303 14.49 12.19 20.88
N ALA A 304 13.69 11.14 20.77
CA ALA A 304 12.55 11.11 19.86
C ALA A 304 11.45 12.07 20.33
N PRO A 305 10.61 12.52 19.40
CA PRO A 305 9.57 13.52 19.73
C PRO A 305 8.64 13.04 20.82
N LYS A 306 8.12 14.00 21.58
CA LYS A 306 7.19 13.59 22.63
C LYS A 306 5.91 13.12 21.94
N ILE A 307 5.24 12.24 22.63
CA ILE A 307 4.08 11.78 21.87
C ILE A 307 2.80 12.53 22.27
N ALA A 308 2.05 12.99 21.25
CA ALA A 308 0.81 13.73 21.48
C ALA A 308 -0.14 13.47 20.31
N CYS A 309 -1.26 12.80 20.55
CA CYS A 309 -2.11 12.39 19.43
C CYS A 309 -2.87 13.59 18.89
N VAL A 310 -2.44 14.09 17.74
CA VAL A 310 -3.11 15.21 17.10
C VAL A 310 -3.95 14.74 15.91
N SER A 311 -3.39 13.88 15.06
CA SER A 311 -4.07 13.47 13.84
C SER A 311 -5.05 12.34 14.05
N ASN A 312 -4.96 11.63 15.18
CA ASN A 312 -5.87 10.51 15.48
C ASN A 312 -6.01 9.56 14.29
N CYS A 313 -4.87 9.04 13.83
CA CYS A 313 -4.87 8.38 12.53
C CYS A 313 -5.49 6.99 12.56
N VAL A 314 -5.27 6.17 13.60
CA VAL A 314 -5.68 4.76 13.54
C VAL A 314 -6.40 4.34 14.82
N ALA A 315 -7.43 3.52 14.66
CA ALA A 315 -8.20 3.04 15.81
C ALA A 315 -7.40 2.17 16.76
N PRO A 316 -6.54 1.24 16.32
CA PRO A 316 -5.84 0.39 17.30
C PRO A 316 -4.97 1.15 18.29
N CYS A 317 -4.49 2.35 17.92
CA CYS A 317 -3.60 3.09 18.81
C CYS A 317 -4.33 3.60 20.05
N ASN A 318 -5.64 3.80 19.97
CA ASN A 318 -6.42 4.36 21.08
C ASN A 318 -5.89 5.73 21.50
N ARG A 319 -5.76 6.63 20.52
CA ARG A 319 -5.43 8.05 20.76
C ARG A 319 -4.12 8.22 21.54
N GLY A 320 -3.11 7.41 21.22
CA GLY A 320 -1.80 7.58 21.78
C GLY A 320 -1.36 6.47 22.70
N GLU A 321 -2.28 5.62 23.16
CA GLU A 321 -1.89 4.55 24.07
C GLU A 321 -0.80 3.66 23.48
N GLU A 322 -1.00 3.20 22.25
CA GLU A 322 -0.01 2.28 21.70
C GLU A 322 1.21 3.02 21.19
N ALA A 323 1.03 4.25 20.68
CA ALA A 323 2.20 5.03 20.25
C ALA A 323 3.17 5.24 21.41
N LYS A 324 2.66 5.55 22.61
CA LYS A 324 3.54 5.72 23.76
C LYS A 324 4.25 4.43 24.10
N LYS A 325 3.58 3.28 23.94
CA LYS A 325 4.22 2.00 24.24
C LYS A 325 5.32 1.65 23.23
N VAL A 326 5.10 1.94 21.94
CA VAL A 326 6.08 1.55 20.94
C VAL A 326 7.11 2.64 20.70
N GLY A 327 6.86 3.86 21.15
CA GLY A 327 7.86 4.92 21.14
C GLY A 327 7.71 5.96 20.05
N TYR A 328 6.73 5.82 19.15
CA TYR A 328 6.58 6.79 18.08
C TYR A 328 5.14 6.83 17.60
N CYS A 329 4.78 7.97 17.02
CA CYS A 329 3.49 8.22 16.38
C CYS A 329 3.65 7.99 14.88
N ILE A 330 2.86 7.10 14.31
CA ILE A 330 3.12 6.73 12.92
C ILE A 330 2.63 7.84 11.98
N ALA A 331 1.56 8.54 12.35
CA ALA A 331 1.10 9.68 11.54
C ALA A 331 2.17 10.75 11.46
N ASP A 332 2.69 11.18 12.61
CA ASP A 332 3.71 12.21 12.63
C ASP A 332 4.96 11.77 11.90
N GLY A 333 5.39 10.53 12.13
CA GLY A 333 6.62 10.06 11.53
C GLY A 333 6.52 9.92 10.02
N LEU A 334 5.44 9.29 9.54
CA LEU A 334 5.31 9.14 8.10
C LEU A 334 5.11 10.51 7.43
N GLY A 335 4.36 11.41 8.06
CA GLY A 335 4.19 12.74 7.48
C GLY A 335 5.51 13.49 7.38
N ARG A 336 6.32 13.40 8.43
CA ARG A 336 7.63 14.04 8.40
C ARG A 336 8.48 13.54 7.24
N SER A 337 8.42 12.24 6.93
CA SER A 337 9.23 11.73 5.82
C SER A 337 8.79 12.33 4.49
N TYR A 338 7.47 12.43 4.26
CA TYR A 338 7.01 13.06 3.02
C TYR A 338 7.51 14.49 2.93
N LEU A 339 7.59 15.18 4.06
CA LEU A 339 8.12 16.54 4.11
C LEU A 339 9.65 16.59 4.05
N GLY A 340 10.33 15.44 4.04
CA GLY A 340 11.77 15.41 3.82
C GLY A 340 12.61 15.38 5.08
N ASN A 341 12.00 15.07 6.22
CA ASN A 341 12.68 15.16 7.51
C ASN A 341 13.47 13.87 7.74
N ARG A 342 14.79 13.94 7.57
CA ARG A 342 15.64 12.76 7.73
C ARG A 342 15.91 12.43 9.19
N GLU A 343 15.78 13.41 10.09
CA GLU A 343 16.10 13.19 11.50
C GLU A 343 14.96 12.52 12.25
N GLU A 344 13.71 12.87 11.92
CA GLU A 344 12.58 12.36 12.67
C GLU A 344 11.55 11.64 11.81
N GLY A 345 11.77 11.52 10.50
CA GLY A 345 10.85 10.76 9.69
C GLY A 345 10.91 9.28 10.01
N LEU A 346 9.83 8.58 9.67
CA LEU A 346 9.75 7.13 9.69
C LEU A 346 9.80 6.62 8.26
N TYR A 347 10.64 5.61 8.00
CA TYR A 347 10.91 5.15 6.64
C TYR A 347 10.67 3.65 6.57
N PHE A 348 9.92 3.22 5.55
CA PHE A 348 9.56 1.82 5.37
C PHE A 348 10.30 1.27 4.15
N THR A 349 10.40 -0.07 4.07
CA THR A 349 11.00 -0.72 2.91
C THR A 349 10.56 -2.18 2.89
N GLY A 350 10.51 -2.77 1.69
CA GLY A 350 10.45 -4.21 1.62
C GLY A 350 11.79 -4.82 1.98
N ALA A 351 11.79 -6.14 2.17
CA ALA A 351 13.05 -6.85 2.43
C ALA A 351 14.08 -6.61 1.34
N ASN A 352 13.64 -6.41 0.08
CA ASN A 352 14.57 -6.22 -1.03
C ASN A 352 15.10 -4.79 -1.16
N GLY A 353 14.82 -3.89 -0.21
CA GLY A 353 15.18 -2.49 -0.39
C GLY A 353 16.67 -2.28 -0.57
N TYR A 354 17.49 -3.15 0.03
CA TYR A 354 18.94 -3.01 -0.06
C TYR A 354 19.46 -3.25 -1.47
N ARG A 355 18.65 -3.87 -2.34
CA ARG A 355 19.07 -4.10 -3.71
C ARG A 355 18.87 -2.89 -4.62
N VAL A 356 18.22 -1.83 -4.16
CA VAL A 356 18.07 -0.64 -4.99
C VAL A 356 19.42 0.07 -5.04
N ASP A 357 19.97 0.18 -6.24
N ASP A 357 19.97 0.18 -6.24
CA ASP A 357 21.28 0.84 -6.41
CA ASP A 357 21.27 0.88 -6.39
C ASP A 357 21.06 2.19 -7.11
C ASP A 357 21.04 2.21 -7.12
N LYS A 358 20.41 2.15 -8.26
CA LYS A 358 20.17 3.37 -9.05
C LYS A 358 18.67 3.66 -9.05
N ILE A 359 18.32 4.91 -9.19
CA ILE A 359 16.95 5.37 -9.32
C ILE A 359 16.65 5.45 -10.81
N ILE A 360 15.59 4.76 -11.25
CA ILE A 360 15.22 4.71 -12.66
C ILE A 360 13.81 5.29 -12.81
N SER A 361 13.39 5.50 -14.05
CA SER A 361 12.05 6.03 -14.29
C SER A 361 11.01 4.91 -14.24
N VAL A 362 9.77 5.29 -13.93
CA VAL A 362 8.66 4.35 -14.02
C VAL A 362 8.58 3.71 -15.41
N HIS A 363 8.75 4.53 -16.45
CA HIS A 363 8.72 4.00 -17.81
C HIS A 363 9.75 2.89 -17.99
N GLU A 364 10.99 3.15 -17.54
CA GLU A 364 12.05 2.14 -17.69
C GLU A 364 11.74 0.90 -16.87
N LEU A 365 11.21 1.07 -15.66
CA LEU A 365 10.88 -0.05 -14.82
C LEU A 365 9.83 -0.94 -15.46
N ILE A 366 8.75 -0.32 -15.96
CA ILE A 366 7.68 -1.12 -16.55
C ILE A 366 8.16 -1.86 -17.79
N LYS A 367 9.02 -1.24 -18.60
CA LYS A 367 9.60 -1.96 -19.73
C LYS A 367 10.43 -3.15 -19.26
N GLU A 368 11.23 -2.96 -18.19
CA GLU A 368 12.04 -4.06 -17.68
C GLU A 368 11.16 -5.22 -17.22
N LEU A 369 10.06 -4.92 -16.54
CA LEU A 369 9.22 -5.96 -15.97
C LEU A 369 8.31 -6.64 -17.00
N THR A 370 8.05 -6.00 -18.14
CA THR A 370 7.04 -6.50 -19.06
C THR A 370 7.58 -6.94 -20.41
N GLU A 371 8.77 -6.49 -20.81
CA GLU A 371 9.24 -6.85 -22.15
C GLU A 371 9.42 -8.36 -22.28
N GLY A 372 9.02 -8.90 -23.42
CA GLY A 372 9.12 -10.33 -23.67
C GLY A 372 7.97 -11.13 -23.10
FE1 SF4 B . -2.71 9.42 17.28
FE2 SF4 B . -1.55 7.01 17.58
FE3 SF4 B . -0.16 9.03 16.42
FE4 SF4 B . -2.13 7.92 15.09
S1 SF4 B . -0.17 6.82 15.81
S2 SF4 B . -1.90 10.18 15.32
S3 SF4 B . -3.65 7.41 16.69
S4 SF4 B . -0.83 8.97 18.56
N1 FMN C . 0.72 -1.45 1.97
C2 FMN C . -0.55 -0.95 2.21
O2 FMN C . -1.55 -1.68 2.08
N3 FMN C . -0.69 0.37 2.63
C4 FMN C . 0.44 1.19 2.81
O4 FMN C . 0.27 2.35 3.17
C4A FMN C . 1.72 0.68 2.56
N5 FMN C . 2.83 1.44 2.72
C5A FMN C . 4.02 1.00 2.27
C6 FMN C . 5.14 1.85 2.24
C7 FMN C . 6.38 1.41 1.76
C7M FMN C . 7.52 2.28 1.72
C8 FMN C . 6.50 0.10 1.29
C8M FMN C . 7.73 -0.38 0.77
C9 FMN C . 5.39 -0.74 1.31
C9A FMN C . 4.15 -0.31 1.80
N10 FMN C . 3.07 -1.13 1.82
C10 FMN C . 1.86 -0.63 2.14
C1' FMN C . 3.12 -2.50 1.23
C2' FMN C . 3.14 -2.43 -0.34
O2' FMN C . 1.92 -1.86 -0.85
C3' FMN C . 3.38 -3.79 -1.04
O3' FMN C . 2.26 -4.67 -0.85
C4' FMN C . 4.68 -4.52 -0.60
O4' FMN C . 5.74 -3.65 -0.24
C5' FMN C . 5.11 -5.40 -1.79
O5' FMN C . 6.42 -5.99 -1.55
P FMN C . 7.70 -5.41 -2.29
O1P FMN C . 7.32 -5.32 -3.73
O2P FMN C . 7.87 -4.09 -1.65
O3P FMN C . 8.76 -6.41 -2.02
CL CL D . 1.21 -0.90 5.61
#